data_9QNH
#
_entry.id   9QNH
#
_cell.length_a   82.851
_cell.length_b   112.721
_cell.length_c   62.964
_cell.angle_alpha   90.00
_cell.angle_beta   90.00
_cell.angle_gamma   90.00
#
_symmetry.space_group_name_H-M   'C 2 2 21'
#
loop_
_entity.id
_entity.type
_entity.pdbx_description
1 polymer '14-3-3 protein sigma'
2 polymer 'Myc proto-oncogene protein'
3 non-polymer 'CHLORIDE ION'
4 non-polymer 'CALCIUM ION'
5 water water
#
loop_
_entity_poly.entity_id
_entity_poly.type
_entity_poly.pdbx_seq_one_letter_code
_entity_poly.pdbx_strand_id
1 'polypeptide(L)'
;GAMGSMERASLIQKAKLAEQAERYEDMAAFMKGAVEKGEELSCEERNLLSVAYKNVVGGQRAAWRVLSSIEQKSNEEGSE
EKGPEVREYREKVETELQGVCDTVLGLLDSHLIKEAGDAESRVFYLKMKGDYYRYLAEVATGDDKKRIIDSARSAYQEAM
DISKKEMPPTNPIRLGLALNFSVFHYEIANSPEEAISLAKTTFDEAMADLHTLSEDSYKDSTLIMQLLRDNLTLWT
;
A
2 'polypeptide(L)' KRSE(SEP)GSPS P
#
# COMPACT_ATOMS: atom_id res chain seq x y z
N GLY A 1 4.95 18.98 14.69
CA GLY A 1 5.56 19.77 13.63
C GLY A 1 4.71 21.01 13.28
N ALA A 2 4.58 21.27 11.97
CA ALA A 2 3.88 22.44 11.48
C ALA A 2 2.38 22.41 11.80
N MET A 3 1.84 21.21 12.02
CA MET A 3 0.43 21.05 12.34
C MET A 3 0.17 21.00 13.84
N GLY A 4 1.21 21.21 14.66
CA GLY A 4 1.10 21.09 16.10
C GLY A 4 0.10 22.05 16.75
N SER A 5 -0.12 23.20 16.11
CA SER A 5 -1.03 24.21 16.63
C SER A 5 -2.48 24.07 16.18
N MET A 6 -2.75 23.13 15.26
CA MET A 6 -4.10 22.97 14.73
C MET A 6 -4.85 21.85 15.46
N GLU A 7 -6.13 22.09 15.78
CA GLU A 7 -6.97 21.10 16.41
C GLU A 7 -7.05 19.80 15.61
N ARG A 8 -7.10 18.67 16.31
CA ARG A 8 -7.27 17.38 15.65
C ARG A 8 -8.47 17.38 14.70
N ALA A 9 -9.62 17.87 15.18
CA ALA A 9 -10.83 17.84 14.38
C ALA A 9 -10.70 18.72 13.13
N SER A 10 -9.99 19.85 13.26
CA SER A 10 -9.75 20.73 12.13
C SER A 10 -8.84 20.09 11.08
N LEU A 11 -7.84 19.32 11.53
CA LEU A 11 -6.96 18.60 10.63
C LEU A 11 -7.73 17.56 9.81
N ILE A 12 -8.63 16.83 10.47
CA ILE A 12 -9.46 15.83 9.80
CA ILE A 12 -9.44 15.83 9.78
C ILE A 12 -10.39 16.52 8.80
N GLN A 13 -11.00 17.62 9.22
CA GLN A 13 -11.89 18.37 8.33
C GLN A 13 -11.15 18.84 7.08
N LYS A 14 -9.93 19.36 7.27
CA LYS A 14 -9.15 19.86 6.14
C LYS A 14 -8.62 18.72 5.26
N ALA A 15 -8.34 17.55 5.85
CA ALA A 15 -7.97 16.39 5.05
C ALA A 15 -9.09 16.03 4.07
N LYS A 16 -10.35 16.10 4.53
CA LYS A 16 -11.49 15.79 3.68
C LYS A 16 -11.65 16.83 2.56
N LEU A 17 -11.43 18.11 2.90
CA LEU A 17 -11.44 19.16 1.89
C LEU A 17 -10.33 18.96 0.85
N ALA A 18 -9.13 18.64 1.32
CA ALA A 18 -7.99 18.41 0.45
C ALA A 18 -8.28 17.25 -0.52
N GLU A 19 -8.94 16.19 -0.02
CA GLU A 19 -9.33 15.08 -0.88
C GLU A 19 -10.25 15.58 -2.00
N GLN A 20 -11.26 16.37 -1.64
CA GLN A 20 -12.20 16.89 -2.63
C GLN A 20 -11.51 17.76 -3.69
N ALA A 21 -10.47 18.49 -3.26
CA ALA A 21 -9.70 19.36 -4.14
C ALA A 21 -8.55 18.65 -4.86
N GLU A 22 -8.41 17.33 -4.64
CA GLU A 22 -7.34 16.54 -5.20
C GLU A 22 -5.95 17.08 -4.85
N ARG A 23 -5.84 17.57 -3.61
CA ARG A 23 -4.61 18.09 -3.06
C ARG A 23 -4.03 17.08 -2.09
N TYR A 24 -3.45 16.01 -2.63
CA TYR A 24 -3.09 14.85 -1.81
C TYR A 24 -1.87 15.07 -0.93
N GLU A 25 -0.93 15.92 -1.35
CA GLU A 25 0.19 16.27 -0.49
CA GLU A 25 0.20 16.26 -0.49
C GLU A 25 -0.31 16.98 0.75
N ASP A 26 -1.23 17.94 0.57
CA ASP A 26 -1.85 18.62 1.71
C ASP A 26 -2.60 17.62 2.58
N MET A 27 -3.36 16.71 1.95
CA MET A 27 -4.15 15.73 2.67
C MET A 27 -3.25 14.89 3.57
N ALA A 28 -2.12 14.45 3.03
CA ALA A 28 -1.17 13.65 3.78
C ALA A 28 -0.58 14.42 4.97
N ALA A 29 -0.23 15.69 4.75
CA ALA A 29 0.31 16.52 5.82
C ALA A 29 -0.70 16.71 6.95
N PHE A 30 -1.98 16.94 6.59
CA PHE A 30 -3.03 17.06 7.58
C PHE A 30 -3.21 15.77 8.39
N MET A 31 -3.21 14.62 7.69
CA MET A 31 -3.40 13.36 8.37
C MET A 31 -2.19 12.98 9.24
N LYS A 32 -0.98 13.31 8.80
CA LYS A 32 0.21 13.14 9.63
C LYS A 32 0.05 13.94 10.93
N GLY A 33 -0.38 15.20 10.80
CA GLY A 33 -0.66 16.03 11.96
C GLY A 33 -1.67 15.40 12.90
N ALA A 34 -2.75 14.84 12.34
CA ALA A 34 -3.76 14.17 13.14
C ALA A 34 -3.20 12.97 13.89
N VAL A 35 -2.41 12.13 13.21
CA VAL A 35 -1.80 10.98 13.85
C VAL A 35 -0.92 11.43 15.02
N GLU A 36 -0.15 12.49 14.81
CA GLU A 36 0.80 12.95 15.80
C GLU A 36 0.15 13.58 17.04
N LYS A 37 -1.16 13.76 17.03
CA LYS A 37 -1.88 14.14 18.24
C LYS A 37 -1.86 13.02 19.30
N GLY A 38 -1.61 11.78 18.86
CA GLY A 38 -1.37 10.69 19.79
C GLY A 38 -2.59 9.82 20.11
N GLU A 39 -3.77 10.20 19.62
CA GLU A 39 -4.97 9.40 19.81
C GLU A 39 -5.07 8.36 18.69
N GLU A 40 -5.72 7.25 18.99
CA GLU A 40 -5.99 6.24 17.98
C GLU A 40 -6.91 6.81 16.88
N LEU A 41 -6.88 6.18 15.70
CA LEU A 41 -7.68 6.60 14.56
C LEU A 41 -8.92 5.75 14.43
N SER A 42 -10.05 6.38 14.08
CA SER A 42 -11.27 5.68 13.70
C SER A 42 -11.11 5.01 12.34
N CYS A 43 -12.08 4.19 11.97
CA CYS A 43 -12.06 3.53 10.68
C CYS A 43 -11.97 4.55 9.54
N GLU A 44 -12.82 5.59 9.61
CA GLU A 44 -12.82 6.61 8.58
C GLU A 44 -11.47 7.33 8.51
N GLU A 45 -10.90 7.64 9.68
CA GLU A 45 -9.63 8.35 9.73
C GLU A 45 -8.49 7.50 9.18
N ARG A 46 -8.49 6.19 9.47
CA ARG A 46 -7.51 5.28 8.90
C ARG A 46 -7.57 5.30 7.38
N ASN A 47 -8.79 5.32 6.83
CA ASN A 47 -8.94 5.33 5.39
C ASN A 47 -8.46 6.65 4.79
N LEU A 48 -8.67 7.77 5.48
CA LEU A 48 -8.15 9.05 5.02
C LEU A 48 -6.62 9.06 4.97
N LEU A 49 -5.98 8.50 6.00
CA LEU A 49 -4.53 8.39 6.05
C LEU A 49 -4.02 7.59 4.85
N SER A 50 -4.66 6.44 4.60
CA SER A 50 -4.26 5.57 3.50
C SER A 50 -4.45 6.22 2.13
N VAL A 51 -5.63 6.82 1.92
CA VAL A 51 -5.90 7.49 0.64
C VAL A 51 -4.85 8.56 0.35
N ALA A 52 -4.53 9.36 1.37
CA ALA A 52 -3.60 10.47 1.19
C ALA A 52 -2.24 9.99 0.73
N TYR A 53 -1.62 9.08 1.50
CA TYR A 53 -0.28 8.64 1.19
C TYR A 53 -0.23 7.76 -0.06
N LYS A 54 -1.30 6.98 -0.31
CA LYS A 54 -1.34 6.16 -1.51
C LYS A 54 -1.25 7.01 -2.78
N ASN A 55 -1.96 8.15 -2.77
CA ASN A 55 -1.95 9.05 -3.90
C ASN A 55 -0.60 9.75 -4.05
N VAL A 56 -0.01 10.19 -2.92
CA VAL A 56 1.31 10.81 -2.97
C VAL A 56 2.35 9.84 -3.52
N VAL A 57 2.48 8.65 -2.92
CA VAL A 57 3.49 7.71 -3.36
CA VAL A 57 3.50 7.72 -3.37
C VAL A 57 3.17 7.20 -4.76
N GLY A 58 1.87 7.16 -5.11
CA GLY A 58 1.46 6.75 -6.45
C GLY A 58 2.05 7.61 -7.55
N GLY A 59 2.02 8.93 -7.35
CA GLY A 59 2.61 9.85 -8.31
C GLY A 59 4.12 9.68 -8.40
N GLN A 60 4.77 9.47 -7.25
CA GLN A 60 6.21 9.26 -7.21
C GLN A 60 6.61 7.97 -7.91
N ARG A 61 5.85 6.89 -7.67
CA ARG A 61 6.13 5.61 -8.30
C ARG A 61 5.99 5.70 -9.82
N ALA A 62 4.93 6.36 -10.30
CA ALA A 62 4.72 6.52 -11.73
C ALA A 62 5.88 7.31 -12.36
N ALA A 63 6.33 8.36 -11.68
CA ALA A 63 7.43 9.18 -12.17
C ALA A 63 8.74 8.40 -12.19
N TRP A 64 8.99 7.66 -11.10
CA TRP A 64 10.18 6.84 -11.00
C TRP A 64 10.27 5.83 -12.15
N ARG A 65 9.13 5.20 -12.48
CA ARG A 65 9.12 4.20 -13.54
CA ARG A 65 9.11 4.20 -13.54
C ARG A 65 9.43 4.83 -14.90
N VAL A 66 8.91 6.03 -15.14
CA VAL A 66 9.20 6.74 -16.38
C VAL A 66 10.70 7.00 -16.50
N LEU A 67 11.29 7.53 -15.42
CA LEU A 67 12.70 7.91 -15.42
C LEU A 67 13.61 6.68 -15.47
N SER A 68 13.25 5.61 -14.76
CA SER A 68 14.02 4.38 -14.78
CA SER A 68 14.04 4.39 -14.79
C SER A 68 14.07 3.77 -16.18
N SER A 69 12.94 3.85 -16.89
CA SER A 69 12.87 3.33 -18.25
C SER A 69 13.80 4.10 -19.18
N ILE A 70 13.81 5.43 -19.05
CA ILE A 70 14.70 6.26 -19.85
C ILE A 70 16.16 5.94 -19.54
N GLU A 71 16.46 5.77 -18.24
CA GLU A 71 17.81 5.47 -17.79
C GLU A 71 18.29 4.12 -18.34
N GLN A 72 17.41 3.11 -18.29
CA GLN A 72 17.73 1.79 -18.80
C GLN A 72 18.03 1.79 -20.30
N LYS A 73 17.26 2.59 -21.05
CA LYS A 73 17.49 2.74 -22.49
C LYS A 73 18.81 3.46 -22.79
N SER A 74 19.20 4.39 -21.89
CA SER A 74 20.45 5.12 -22.06
C SER A 74 21.68 4.22 -21.94
N ASN A 75 21.55 3.10 -21.21
CA ASN A 75 22.63 2.16 -21.01
C ASN A 75 22.65 1.00 -22.00
N GLU A 76 21.78 1.06 -23.02
CA GLU A 76 21.81 0.11 -24.12
C GLU A 76 23.01 0.38 -25.03
N GLU A 77 23.41 -0.63 -25.80
CA GLU A 77 24.47 -0.49 -26.78
C GLU A 77 23.96 0.32 -27.97
N GLY A 78 24.76 1.28 -28.43
CA GLY A 78 24.36 2.17 -29.51
C GLY A 78 23.76 3.49 -29.05
N SER A 79 23.31 3.53 -27.79
CA SER A 79 22.76 4.74 -27.19
C SER A 79 23.88 5.76 -26.96
N GLU A 80 23.61 7.01 -27.34
CA GLU A 80 24.59 8.09 -27.22
C GLU A 80 24.71 8.53 -25.76
N GLU A 81 25.92 8.92 -25.36
CA GLU A 81 26.19 9.41 -24.02
C GLU A 81 25.53 10.78 -23.82
N LYS A 82 24.70 10.89 -22.77
CA LYS A 82 23.98 12.12 -22.49
C LYS A 82 24.31 12.75 -21.13
N GLY A 83 25.32 12.20 -20.45
CA GLY A 83 25.78 12.74 -19.18
C GLY A 83 25.01 12.22 -17.97
N PRO A 84 25.22 12.81 -16.78
CA PRO A 84 24.68 12.28 -15.53
C PRO A 84 23.23 12.65 -15.23
N GLU A 85 22.59 13.46 -16.07
CA GLU A 85 21.34 14.11 -15.70
C GLU A 85 20.17 13.15 -15.45
N VAL A 86 20.04 12.11 -16.29
CA VAL A 86 18.96 11.15 -16.13
C VAL A 86 19.08 10.43 -14.79
N ARG A 87 20.29 9.93 -14.50
CA ARG A 87 20.55 9.26 -13.23
C ARG A 87 20.28 10.20 -12.06
N GLU A 88 20.80 11.43 -12.14
CA GLU A 88 20.62 12.40 -11.07
C GLU A 88 19.15 12.62 -10.76
N TYR A 89 18.34 12.84 -11.80
CA TYR A 89 16.94 13.16 -11.60
C TYR A 89 16.14 11.95 -11.13
N ARG A 90 16.46 10.76 -11.66
CA ARG A 90 15.87 9.53 -11.15
C ARG A 90 16.19 9.35 -9.66
N GLU A 91 17.44 9.63 -9.28
CA GLU A 91 17.85 9.56 -7.88
C GLU A 91 17.10 10.56 -7.00
N LYS A 92 16.84 11.76 -7.53
CA LYS A 92 16.10 12.78 -6.82
C LYS A 92 14.69 12.30 -6.50
N VAL A 93 13.99 11.78 -7.52
CA VAL A 93 12.65 11.27 -7.34
C VAL A 93 12.66 10.07 -6.39
N GLU A 94 13.64 9.18 -6.56
CA GLU A 94 13.77 8.01 -5.71
C GLU A 94 13.93 8.38 -4.23
N THR A 95 14.78 9.37 -3.97
CA THR A 95 15.01 9.81 -2.59
C THR A 95 13.73 10.37 -1.98
N GLU A 96 12.98 11.15 -2.76
CA GLU A 96 11.72 11.71 -2.27
C GLU A 96 10.70 10.59 -1.98
N LEU A 97 10.63 9.60 -2.86
CA LEU A 97 9.77 8.44 -2.67
C LEU A 97 10.14 7.69 -1.39
N GLN A 98 11.43 7.42 -1.21
CA GLN A 98 11.90 6.73 -0.01
C GLN A 98 11.57 7.54 1.24
N GLY A 99 11.66 8.87 1.15
CA GLY A 99 11.30 9.74 2.26
C GLY A 99 9.84 9.61 2.69
N VAL A 100 8.93 9.55 1.70
CA VAL A 100 7.51 9.38 1.99
C VAL A 100 7.26 8.02 2.64
N CYS A 101 7.86 6.95 2.08
CA CYS A 101 7.72 5.62 2.66
C CYS A 101 8.21 5.61 4.11
N ASP A 102 9.38 6.21 4.35
CA ASP A 102 9.93 6.29 5.69
C ASP A 102 9.01 7.05 6.64
N THR A 103 8.36 8.10 6.14
CA THR A 103 7.42 8.87 6.95
C THR A 103 6.25 7.99 7.39
N VAL A 104 5.66 7.25 6.44
CA VAL A 104 4.54 6.38 6.75
C VAL A 104 4.94 5.30 7.74
N LEU A 105 6.08 4.64 7.48
CA LEU A 105 6.57 3.60 8.36
C LEU A 105 6.84 4.15 9.77
N GLY A 106 7.32 5.39 9.84
CA GLY A 106 7.53 6.07 11.11
C GLY A 106 6.25 6.28 11.91
N LEU A 107 5.17 6.67 11.23
CA LEU A 107 3.89 6.85 11.89
C LEU A 107 3.36 5.51 12.41
N LEU A 108 3.53 4.45 11.60
CA LEU A 108 3.06 3.13 12.00
C LEU A 108 3.83 2.63 13.22
N ASP A 109 5.14 2.92 13.28
CA ASP A 109 5.98 2.48 14.38
C ASP A 109 5.87 3.36 15.63
N SER A 110 5.39 4.59 15.47
CA SER A 110 5.34 5.57 16.55
C SER A 110 4.04 6.37 16.50
N HIS A 111 2.91 5.79 16.96
CA HIS A 111 2.82 4.51 17.64
C HIS A 111 1.54 3.75 17.25
N LEU A 112 1.16 3.84 15.96
CA LEU A 112 -0.13 3.34 15.53
C LEU A 112 -0.29 1.84 15.76
N ILE A 113 0.70 1.05 15.36
CA ILE A 113 0.59 -0.40 15.44
C ILE A 113 0.52 -0.87 16.89
N LYS A 114 1.39 -0.35 17.76
CA LYS A 114 1.44 -0.87 19.12
C LYS A 114 0.16 -0.58 19.90
N GLU A 115 -0.57 0.47 19.54
CA GLU A 115 -1.82 0.79 20.23
CA GLU A 115 -1.82 0.81 20.22
C GLU A 115 -3.05 0.14 19.60
N ALA A 116 -2.88 -0.48 18.42
CA ALA A 116 -3.97 -1.13 17.70
C ALA A 116 -4.23 -2.55 18.21
N GLY A 117 -5.36 -2.72 18.91
CA GLY A 117 -5.73 -3.99 19.50
C GLY A 117 -6.84 -4.76 18.79
N ASP A 118 -7.74 -4.04 18.12
CA ASP A 118 -8.82 -4.68 17.38
C ASP A 118 -8.29 -5.19 16.05
N ALA A 119 -8.86 -6.29 15.56
CA ALA A 119 -8.35 -6.92 14.35
C ALA A 119 -8.41 -5.96 13.17
N GLU A 120 -9.50 -5.19 13.07
CA GLU A 120 -9.68 -4.31 11.92
C GLU A 120 -8.58 -3.26 11.85
N SER A 121 -8.21 -2.69 13.00
CA SER A 121 -7.15 -1.68 13.03
CA SER A 121 -7.15 -1.69 13.06
C SER A 121 -5.77 -2.30 12.85
N ARG A 122 -5.49 -3.38 13.59
CA ARG A 122 -4.17 -4.00 13.55
C ARG A 122 -3.84 -4.55 12.15
N VAL A 123 -4.80 -5.24 11.52
CA VAL A 123 -4.59 -5.78 10.19
C VAL A 123 -4.38 -4.64 9.20
N PHE A 124 -5.18 -3.58 9.31
CA PHE A 124 -5.05 -2.42 8.45
C PHE A 124 -3.64 -1.84 8.49
N TYR A 125 -3.10 -1.65 9.70
CA TYR A 125 -1.80 -1.02 9.83
C TYR A 125 -0.67 -1.94 9.39
N LEU A 126 -0.77 -3.23 9.70
CA LEU A 126 0.25 -4.18 9.27
C LEU A 126 0.26 -4.33 7.75
N LYS A 127 -0.92 -4.31 7.12
CA LYS A 127 -1.00 -4.29 5.67
C LYS A 127 -0.29 -3.05 5.11
N MET A 128 -0.54 -1.88 5.71
CA MET A 128 0.11 -0.65 5.29
CA MET A 128 0.11 -0.66 5.27
C MET A 128 1.63 -0.78 5.40
N LYS A 129 2.10 -1.37 6.51
CA LYS A 129 3.53 -1.57 6.71
C LYS A 129 4.10 -2.42 5.58
N GLY A 130 3.41 -3.51 5.23
CA GLY A 130 3.84 -4.33 4.12
C GLY A 130 3.88 -3.58 2.78
N ASP A 131 2.82 -2.79 2.53
CA ASP A 131 2.75 -2.00 1.31
C ASP A 131 3.90 -1.03 1.15
N TYR A 132 4.25 -0.28 2.22
CA TYR A 132 5.26 0.74 2.09
C TYR A 132 6.67 0.15 2.06
N TYR A 133 6.89 -0.99 2.72
CA TYR A 133 8.13 -1.74 2.48
C TYR A 133 8.17 -2.29 1.05
N ARG A 134 7.03 -2.70 0.50
CA ARG A 134 6.98 -3.14 -0.88
C ARG A 134 7.37 -2.03 -1.84
N TYR A 135 6.89 -0.79 -1.59
CA TYR A 135 7.26 0.33 -2.44
C TYR A 135 8.76 0.63 -2.33
N LEU A 136 9.33 0.49 -1.13
CA LEU A 136 10.78 0.61 -0.97
C LEU A 136 11.51 -0.48 -1.76
N ALA A 137 10.95 -1.70 -1.77
CA ALA A 137 11.56 -2.81 -2.47
C ALA A 137 11.61 -2.59 -3.97
N GLU A 138 10.59 -1.90 -4.51
CA GLU A 138 10.51 -1.65 -5.94
C GLU A 138 11.72 -0.87 -6.46
N VAL A 139 12.31 -0.01 -5.62
CA VAL A 139 13.42 0.83 -6.03
C VAL A 139 14.77 0.40 -5.41
N ALA A 140 14.77 -0.66 -4.61
CA ALA A 140 15.97 -1.11 -3.93
C ALA A 140 16.82 -2.01 -4.84
N THR A 141 18.14 -2.00 -4.58
CA THR A 141 19.08 -2.83 -5.34
C THR A 141 20.10 -3.49 -4.41
N GLY A 142 20.17 -4.84 -4.45
CA GLY A 142 21.24 -5.58 -3.81
C GLY A 142 20.85 -6.27 -2.50
N ASP A 143 21.75 -6.23 -1.52
CA ASP A 143 21.53 -6.83 -0.22
C ASP A 143 20.49 -6.06 0.60
N ASP A 144 20.51 -4.72 0.49
CA ASP A 144 19.52 -3.90 1.17
C ASP A 144 18.13 -4.35 0.73
N LYS A 145 18.00 -4.66 -0.57
CA LYS A 145 16.76 -5.18 -1.13
C LYS A 145 16.28 -6.42 -0.40
N LYS A 146 17.20 -7.34 -0.06
CA LYS A 146 16.83 -8.56 0.65
C LYS A 146 16.17 -8.28 1.99
N ARG A 147 16.76 -7.39 2.78
CA ARG A 147 16.20 -7.01 4.08
C ARG A 147 14.85 -6.32 3.96
N ILE A 148 14.71 -5.44 2.96
CA ILE A 148 13.46 -4.73 2.74
C ILE A 148 12.36 -5.71 2.34
N ILE A 149 12.70 -6.65 1.45
CA ILE A 149 11.76 -7.67 1.03
C ILE A 149 11.30 -8.50 2.24
N ASP A 150 12.23 -8.88 3.11
CA ASP A 150 11.88 -9.66 4.29
C ASP A 150 10.97 -8.87 5.24
N SER A 151 11.21 -7.56 5.37
CA SER A 151 10.37 -6.70 6.20
C SER A 151 8.95 -6.64 5.66
N ALA A 152 8.80 -6.48 4.34
CA ALA A 152 7.48 -6.49 3.72
C ALA A 152 6.78 -7.83 3.97
N ARG A 153 7.48 -8.93 3.69
CA ARG A 153 6.93 -10.27 3.87
CA ARG A 153 6.92 -10.27 3.87
C ARG A 153 6.43 -10.48 5.31
N SER A 154 7.27 -10.08 6.28
CA SER A 154 6.96 -10.29 7.69
C SER A 154 5.70 -9.53 8.13
N ALA A 155 5.56 -8.29 7.67
CA ALA A 155 4.38 -7.49 8.00
C ALA A 155 3.12 -8.09 7.38
N TYR A 156 3.19 -8.44 6.09
CA TYR A 156 2.06 -9.08 5.44
C TYR A 156 1.68 -10.39 6.12
N GLN A 157 2.68 -11.19 6.52
CA GLN A 157 2.40 -12.48 7.13
C GLN A 157 1.70 -12.34 8.48
N GLU A 158 2.15 -11.39 9.31
CA GLU A 158 1.51 -11.13 10.59
C GLU A 158 0.06 -10.71 10.37
N ALA A 159 -0.16 -9.82 9.39
CA ALA A 159 -1.50 -9.37 9.05
C ALA A 159 -2.39 -10.54 8.60
N MET A 160 -1.83 -11.42 7.77
CA MET A 160 -2.56 -12.57 7.25
C MET A 160 -2.99 -13.48 8.39
N ASP A 161 -2.07 -13.74 9.33
CA ASP A 161 -2.36 -14.65 10.44
C ASP A 161 -3.53 -14.12 11.26
N ILE A 162 -3.53 -12.82 11.57
CA ILE A 162 -4.61 -12.23 12.33
C ILE A 162 -5.92 -12.26 11.54
N SER A 163 -5.85 -11.88 10.25
CA SER A 163 -7.04 -11.79 9.44
C SER A 163 -7.75 -13.13 9.29
N LYS A 164 -6.97 -14.21 9.17
CA LYS A 164 -7.56 -15.53 9.01
C LYS A 164 -8.25 -16.00 10.29
N LYS A 165 -7.69 -15.62 11.44
CA LYS A 165 -8.28 -15.99 12.72
C LYS A 165 -9.51 -15.15 13.10
N GLU A 166 -9.50 -13.87 12.75
CA GLU A 166 -10.41 -12.90 13.34
C GLU A 166 -11.46 -12.30 12.41
N MET A 167 -11.31 -12.50 11.09
CA MET A 167 -12.20 -11.88 10.12
C MET A 167 -12.82 -12.91 9.19
N PRO A 168 -14.06 -12.67 8.67
CA PRO A 168 -14.63 -13.55 7.67
C PRO A 168 -13.90 -13.43 6.33
N PRO A 169 -13.97 -14.48 5.48
CA PRO A 169 -13.26 -14.48 4.20
C PRO A 169 -13.66 -13.37 3.23
N THR A 170 -14.84 -12.78 3.44
CA THR A 170 -15.32 -11.68 2.61
C THR A 170 -14.98 -10.29 3.14
N ASN A 171 -14.38 -10.21 4.34
CA ASN A 171 -14.06 -8.91 4.90
C ASN A 171 -13.18 -8.11 3.94
N PRO A 172 -13.56 -6.87 3.54
CA PRO A 172 -12.78 -6.11 2.58
C PRO A 172 -11.32 -5.87 2.95
N ILE A 173 -11.02 -5.71 4.25
CA ILE A 173 -9.64 -5.52 4.69
C ILE A 173 -8.85 -6.80 4.44
N ARG A 174 -9.42 -7.94 4.86
CA ARG A 174 -8.80 -9.23 4.60
C ARG A 174 -8.56 -9.46 3.10
N LEU A 175 -9.57 -9.15 2.27
CA LEU A 175 -9.45 -9.32 0.84
C LEU A 175 -8.37 -8.44 0.24
N GLY A 176 -8.33 -7.16 0.64
CA GLY A 176 -7.34 -6.24 0.12
C GLY A 176 -5.91 -6.61 0.54
N LEU A 177 -5.77 -7.16 1.75
CA LEU A 177 -4.49 -7.65 2.23
C LEU A 177 -4.01 -8.83 1.38
N ALA A 178 -4.89 -9.80 1.15
CA ALA A 178 -4.54 -10.96 0.35
C ALA A 178 -4.18 -10.55 -1.07
N LEU A 179 -4.96 -9.60 -1.65
CA LEU A 179 -4.65 -9.06 -2.95
C LEU A 179 -3.23 -8.50 -3.00
N ASN A 180 -2.90 -7.61 -2.06
CA ASN A 180 -1.59 -6.96 -2.09
C ASN A 180 -0.45 -7.92 -1.79
N PHE A 181 -0.68 -8.90 -0.91
CA PHE A 181 0.35 -9.88 -0.63
C PHE A 181 0.59 -10.76 -1.86
N SER A 182 -0.47 -11.05 -2.63
CA SER A 182 -0.31 -11.81 -3.86
C SER A 182 0.51 -11.01 -4.89
N VAL A 183 0.29 -9.69 -4.95
CA VAL A 183 1.10 -8.82 -5.80
C VAL A 183 2.56 -8.82 -5.36
N PHE A 184 2.79 -8.76 -4.04
CA PHE A 184 4.13 -8.90 -3.49
C PHE A 184 4.81 -10.18 -4.02
N HIS A 185 4.10 -11.31 -3.93
CA HIS A 185 4.67 -12.57 -4.36
C HIS A 185 5.05 -12.55 -5.84
N TYR A 186 4.15 -12.00 -6.68
CA TYR A 186 4.35 -12.01 -8.11
C TYR A 186 5.41 -11.02 -8.59
N GLU A 187 5.34 -9.78 -8.08
CA GLU A 187 6.12 -8.67 -8.60
C GLU A 187 7.45 -8.43 -7.86
N ILE A 188 7.52 -8.82 -6.58
CA ILE A 188 8.69 -8.54 -5.75
C ILE A 188 9.50 -9.78 -5.41
N ALA A 189 8.82 -10.85 -4.97
CA ALA A 189 9.47 -12.01 -4.39
C ALA A 189 9.78 -13.13 -5.38
N ASN A 190 9.52 -12.89 -6.67
CA ASN A 190 9.79 -13.88 -7.72
C ASN A 190 9.12 -15.22 -7.40
N SER A 191 7.87 -15.15 -6.92
CA SER A 191 7.11 -16.32 -6.52
C SER A 191 5.73 -16.33 -7.17
N PRO A 192 5.66 -16.44 -8.52
CA PRO A 192 4.38 -16.35 -9.22
C PRO A 192 3.40 -17.46 -8.82
N GLU A 193 3.91 -18.66 -8.55
CA GLU A 193 3.03 -19.76 -8.15
C GLU A 193 2.37 -19.48 -6.80
N GLU A 194 3.12 -18.92 -5.85
CA GLU A 194 2.55 -18.54 -4.57
C GLU A 194 1.48 -17.46 -4.75
N ALA A 195 1.76 -16.48 -5.62
CA ALA A 195 0.81 -15.42 -5.93
C ALA A 195 -0.50 -15.99 -6.45
N ILE A 196 -0.40 -16.92 -7.41
CA ILE A 196 -1.57 -17.53 -8.04
C ILE A 196 -2.37 -18.33 -7.02
N SER A 197 -1.68 -19.15 -6.21
CA SER A 197 -2.35 -19.97 -5.21
CA SER A 197 -2.35 -19.97 -5.21
C SER A 197 -3.08 -19.11 -4.19
N LEU A 198 -2.42 -18.05 -3.72
CA LEU A 198 -3.05 -17.17 -2.75
C LEU A 198 -4.28 -16.49 -3.33
N ALA A 199 -4.17 -15.96 -4.55
CA ALA A 199 -5.30 -15.29 -5.17
C ALA A 199 -6.48 -16.23 -5.39
N LYS A 200 -6.20 -17.46 -5.85
CA LYS A 200 -7.22 -18.45 -6.10
CA LYS A 200 -7.23 -18.45 -6.11
C LYS A 200 -7.97 -18.85 -4.83
N THR A 201 -7.21 -19.21 -3.78
CA THR A 201 -7.82 -19.65 -2.54
CA THR A 201 -7.79 -19.63 -2.52
C THR A 201 -8.61 -18.51 -1.90
N THR A 202 -8.08 -17.29 -1.95
CA THR A 202 -8.78 -16.13 -1.40
C THR A 202 -10.12 -15.93 -2.12
N PHE A 203 -10.08 -15.95 -3.45
CA PHE A 203 -11.29 -15.77 -4.24
C PHE A 203 -12.35 -16.83 -3.92
N ASP A 204 -11.92 -18.09 -3.89
CA ASP A 204 -12.84 -19.21 -3.70
C ASP A 204 -13.47 -19.19 -2.30
N GLU A 205 -12.68 -18.85 -1.27
CA GLU A 205 -13.22 -18.82 0.08
C GLU A 205 -14.17 -17.64 0.27
N ALA A 206 -13.90 -16.52 -0.42
CA ALA A 206 -14.82 -15.40 -0.40
C ALA A 206 -16.13 -15.74 -1.12
N MET A 207 -16.04 -16.36 -2.30
CA MET A 207 -17.20 -16.80 -3.08
CA MET A 207 -17.22 -16.73 -3.05
C MET A 207 -18.19 -17.55 -2.19
N ALA A 208 -17.65 -18.51 -1.42
CA ALA A 208 -18.45 -19.38 -0.58
C ALA A 208 -19.12 -18.70 0.60
N ASP A 209 -18.68 -17.47 0.93
CA ASP A 209 -19.23 -16.72 2.06
C ASP A 209 -20.13 -15.55 1.65
N LEU A 210 -20.26 -15.30 0.33
CA LEU A 210 -21.06 -14.19 -0.15
C LEU A 210 -22.53 -14.28 0.29
N HIS A 211 -23.03 -15.50 0.43
CA HIS A 211 -24.43 -15.71 0.79
C HIS A 211 -24.82 -15.10 2.14
N THR A 212 -23.83 -14.85 3.00
CA THR A 212 -24.07 -14.29 4.32
C THR A 212 -24.26 -12.77 4.33
N LEU A 213 -23.99 -12.12 3.19
CA LEU A 213 -23.86 -10.67 3.14
C LEU A 213 -25.11 -9.94 2.66
N SER A 214 -25.26 -8.71 3.16
CA SER A 214 -26.22 -7.75 2.62
C SER A 214 -25.84 -7.32 1.21
N GLU A 215 -26.78 -6.66 0.52
CA GLU A 215 -26.53 -6.14 -0.82
C GLU A 215 -25.30 -5.25 -0.84
N ASP A 216 -25.21 -4.31 0.11
CA ASP A 216 -24.11 -3.36 0.16
C ASP A 216 -22.77 -4.02 0.46
N SER A 217 -22.75 -4.97 1.42
CA SER A 217 -21.53 -5.69 1.75
C SER A 217 -21.09 -6.59 0.59
N TYR A 218 -22.07 -7.19 -0.10
CA TYR A 218 -21.81 -7.98 -1.29
C TYR A 218 -21.09 -7.14 -2.35
N LYS A 219 -21.57 -5.92 -2.59
CA LYS A 219 -20.91 -5.02 -3.52
C LYS A 219 -19.47 -4.74 -3.14
N ASP A 220 -19.24 -4.43 -1.85
CA ASP A 220 -17.91 -4.14 -1.34
C ASP A 220 -16.94 -5.30 -1.59
N SER A 221 -17.37 -6.51 -1.24
CA SER A 221 -16.50 -7.68 -1.33
C SER A 221 -16.23 -8.06 -2.78
N THR A 222 -17.28 -8.07 -3.62
CA THR A 222 -17.14 -8.49 -5.00
C THR A 222 -16.24 -7.54 -5.82
N LEU A 223 -16.22 -6.26 -5.44
CA LEU A 223 -15.32 -5.31 -6.10
C LEU A 223 -13.87 -5.76 -5.97
N ILE A 224 -13.46 -6.16 -4.77
CA ILE A 224 -12.09 -6.57 -4.53
C ILE A 224 -11.84 -7.95 -5.15
N MET A 225 -12.85 -8.82 -5.09
CA MET A 225 -12.73 -10.14 -5.70
C MET A 225 -12.44 -10.02 -7.20
N GLN A 226 -13.02 -9.01 -7.85
CA GLN A 226 -12.78 -8.77 -9.26
C GLN A 226 -11.32 -8.47 -9.55
N LEU A 227 -10.65 -7.75 -8.64
CA LEU A 227 -9.23 -7.47 -8.79
C LEU A 227 -8.38 -8.74 -8.71
N LEU A 228 -8.74 -9.63 -7.78
CA LEU A 228 -8.10 -10.94 -7.71
C LEU A 228 -8.26 -11.68 -9.03
N ARG A 229 -9.49 -11.67 -9.58
CA ARG A 229 -9.78 -12.33 -10.85
C ARG A 229 -8.99 -11.72 -12.01
N ASP A 230 -8.92 -10.39 -12.06
CA ASP A 230 -8.17 -9.70 -13.09
C ASP A 230 -6.70 -10.10 -13.08
N ASN A 231 -6.11 -10.16 -11.88
CA ASN A 231 -4.72 -10.58 -11.75
C ASN A 231 -4.53 -12.03 -12.18
N LEU A 232 -5.44 -12.91 -11.75
CA LEU A 232 -5.35 -14.31 -12.14
C LEU A 232 -5.38 -14.48 -13.67
N THR A 233 -6.22 -13.68 -14.34
CA THR A 233 -6.28 -13.69 -15.80
C THR A 233 -4.98 -13.21 -16.44
N LEU A 234 -4.35 -12.18 -15.85
CA LEU A 234 -3.09 -11.68 -16.32
C LEU A 234 -1.96 -12.71 -16.11
N TRP A 235 -2.03 -13.42 -14.98
CA TRP A 235 -0.96 -14.32 -14.55
C TRP A 235 -1.01 -15.73 -15.13
N THR A 236 -2.19 -16.15 -15.62
CA THR A 236 -2.38 -17.50 -16.11
C THR A 236 -2.84 -17.50 -17.56
N LYS B 1 2.21 -5.55 -18.75
CA LYS B 1 1.10 -5.04 -17.93
C LYS B 1 1.33 -5.42 -16.47
N ARG B 2 1.24 -4.42 -15.59
CA ARG B 2 1.52 -4.61 -14.17
C ARG B 2 0.31 -5.20 -13.45
N SER B 3 0.59 -5.97 -12.40
CA SER B 3 -0.44 -6.48 -11.51
C SER B 3 -1.15 -5.33 -10.79
N GLU B 4 -2.46 -5.49 -10.56
CA GLU B 4 -3.25 -4.49 -9.86
C GLU B 4 -3.26 -4.76 -8.37
N GLY B 6 -4.74 -3.00 -4.49
CA GLY B 6 -5.97 -2.37 -4.06
C GLY B 6 -5.93 -0.85 -4.18
N SER B 7 -7.12 -0.24 -4.21
CA SER B 7 -7.25 1.21 -4.21
C SER B 7 -8.02 1.66 -2.96
N PRO B 8 -7.38 2.42 -2.05
CA PRO B 8 -8.07 2.90 -0.85
C PRO B 8 -9.29 3.77 -1.14
N SER B 9 -10.23 3.79 -0.19
CA SER B 9 -11.44 4.59 -0.30
C SER B 9 -11.88 5.12 1.06
#